data_6RJU
#
_entry.id   6RJU
#
_cell.length_a   1
_cell.length_b   1
_cell.length_c   1
_cell.angle_alpha   90
_cell.angle_beta   90
_cell.angle_gamma   90
#
_symmetry.space_group_name_H-M   'P 1'
#
_entity_poly.entity_id   1
_entity_poly.type   'polypeptide(L)'
_entity_poly.pdbx_seq_one_letter_code
;MASIHSLLSACQTTPRDVAEPAQVRIALWDKWLAPVTPDNPAGDDAGYDDDFQQMREEVNKLSGADAGIVSQLAEKLLTT
RTKDIRVATWYIWARLRQDGEKGLADGLELLTGLLQRFGEHLHPQRSRARKAALEWLCSARILDSLSLYPEVVKADTLRI
AGALWLAEQTFTDEASAPVLNGLYQALENRLMKAGGVDAVVPQEAAAPAPTVTSGSVMALSAITSGQELLSQARVLAKYL
RDQPEGWLAAHRLMKSVRHDTLHQLPPLSADGRTRIAPPGPDRRASLKRLYLQQNWLSLLEQCDDMFARGASHLWLDLQW
YIHQALLQTGKENYAAIIQYDLKGLLLRLPGLETLAFNDGMPFADDVTLSWIQQQVMECGERWAEEPSVTITAAPGDNDI
LSLEPEALQIADNEGTEAALSWLQARPGIQSDRSNWLLRLL(MSE)ARVAEQTGKNDLALHLLAELDERATRLTLSQWEP
ELVFEVKARRLKLLR(MSE)KSAKTESDRVRLQPD(MSE)EHLLAGLIAIDAARAAVLCNSGSS
;
_entity_poly.pdbx_strand_id   A
#
# COMPACT_ATOMS: atom_id res chain seq x y z
N ASP A 399 3.81 -9.43 -7.38
CA ASP A 399 2.65 -9.82 -8.18
C ASP A 399 2.90 -9.59 -9.67
N ILE A 400 2.58 -8.40 -10.16
CA ILE A 400 2.74 -8.09 -11.57
C ILE A 400 3.51 -6.81 -11.83
N LEU A 401 3.45 -5.84 -10.92
CA LEU A 401 3.93 -4.49 -11.21
C LEU A 401 5.44 -4.40 -11.28
N SER A 402 6.17 -5.37 -10.73
CA SER A 402 7.63 -5.36 -10.79
C SER A 402 8.17 -6.24 -11.91
N LEU A 403 7.30 -6.70 -12.81
CA LEU A 403 7.74 -7.49 -13.97
C LEU A 403 7.26 -6.76 -15.21
N GLU A 404 8.06 -5.80 -15.67
CA GLU A 404 7.81 -5.06 -16.92
C GLU A 404 9.12 -5.01 -17.68
N PRO A 405 9.43 -6.05 -18.45
CA PRO A 405 10.64 -6.02 -19.26
C PRO A 405 10.50 -5.21 -20.53
N GLU A 406 9.27 -4.89 -20.95
CA GLU A 406 9.12 -4.12 -22.18
C GLU A 406 9.45 -2.64 -22.01
N ALA A 407 9.57 -2.16 -20.78
CA ALA A 407 10.10 -0.81 -20.57
C ALA A 407 11.57 -0.74 -20.98
N LEU A 408 12.29 -1.85 -20.88
CA LEU A 408 13.60 -1.94 -21.52
C LEU A 408 13.48 -1.99 -23.02
N GLN A 409 12.33 -2.41 -23.55
CA GLN A 409 12.19 -2.46 -24.99
C GLN A 409 11.79 -1.13 -25.58
N ILE A 410 11.57 -0.11 -24.75
CA ILE A 410 11.44 1.27 -25.24
C ILE A 410 12.75 2.02 -25.08
N ALA A 411 13.47 1.75 -23.99
CA ALA A 411 14.68 2.51 -23.65
C ALA A 411 15.82 2.30 -24.63
N ASP A 412 15.78 1.25 -25.43
CA ASP A 412 16.80 1.07 -26.45
C ASP A 412 16.30 1.44 -27.84
N ASN A 413 15.02 1.80 -27.98
CA ASN A 413 14.52 2.38 -29.22
C ASN A 413 14.34 3.88 -29.09
N GLU A 414 13.53 4.32 -28.13
CA GLU A 414 13.54 5.72 -27.75
C GLU A 414 14.51 5.92 -26.60
N GLY A 415 14.69 7.18 -26.20
CA GLY A 415 15.72 7.51 -25.23
C GLY A 415 15.37 7.06 -23.82
N THR A 416 16.39 7.08 -22.96
CA THR A 416 16.18 6.68 -21.57
C THR A 416 15.35 7.70 -20.80
N GLU A 417 15.25 8.93 -21.27
CA GLU A 417 14.27 9.85 -20.72
C GLU A 417 12.86 9.42 -21.10
N ALA A 418 12.70 8.89 -22.31
CA ALA A 418 11.37 8.48 -22.77
C ALA A 418 10.90 7.24 -22.05
N ALA A 419 11.83 6.42 -21.56
CA ALA A 419 11.43 5.22 -20.83
C ALA A 419 10.86 5.57 -19.46
N LEU A 420 11.41 6.59 -18.82
CA LEU A 420 10.87 7.03 -17.54
C LEU A 420 9.51 7.69 -17.71
N SER A 421 9.27 8.30 -18.86
CA SER A 421 7.95 8.87 -19.13
C SER A 421 6.93 7.78 -19.37
N TRP A 422 7.35 6.64 -19.92
CA TRP A 422 6.41 5.55 -20.14
C TRP A 422 6.05 4.86 -18.84
N LEU A 423 6.94 4.89 -17.85
CA LEU A 423 6.72 4.13 -16.63
C LEU A 423 5.68 4.74 -15.72
N GLN A 424 5.44 6.05 -15.82
CA GLN A 424 4.47 6.67 -14.94
C GLN A 424 3.05 6.56 -15.47
N ALA A 425 2.87 6.50 -16.78
CA ALA A 425 1.53 6.49 -17.37
C ALA A 425 1.04 5.07 -17.60
N ARG A 426 1.11 4.23 -16.57
CA ARG A 426 0.44 2.94 -16.58
C ARG A 426 -0.65 2.94 -15.52
N PRO A 427 -1.88 2.54 -15.86
CA PRO A 427 -3.03 2.90 -15.03
C PRO A 427 -3.18 2.08 -13.76
N GLY A 428 -2.36 1.06 -13.53
CA GLY A 428 -2.62 0.15 -12.43
C GLY A 428 -2.17 0.63 -11.07
N ILE A 429 -1.38 1.70 -11.00
CA ILE A 429 -0.73 2.05 -9.75
C ILE A 429 -1.69 2.78 -8.81
N GLN A 430 -2.36 2.03 -7.95
CA GLN A 430 -3.29 2.62 -7.01
C GLN A 430 -2.78 2.52 -5.58
N SER A 431 -2.55 1.29 -5.13
CA SER A 431 -2.15 1.05 -3.76
C SER A 431 -0.68 1.34 -3.57
N ASP A 432 -0.30 1.52 -2.31
CA ASP A 432 1.04 1.95 -1.94
C ASP A 432 2.10 0.88 -2.14
N ARG A 433 1.72 -0.38 -2.25
CA ARG A 433 2.69 -1.42 -2.54
C ARG A 433 3.22 -1.27 -3.97
N SER A 434 2.30 -1.25 -4.94
CA SER A 434 2.71 -1.07 -6.33
C SER A 434 3.19 0.35 -6.59
N ASN A 435 2.79 1.30 -5.75
CA ASN A 435 3.30 2.66 -5.86
C ASN A 435 4.78 2.73 -5.52
N TRP A 436 5.23 1.89 -4.61
CA TRP A 436 6.63 1.96 -4.17
C TRP A 436 7.54 1.15 -5.07
N LEU A 437 7.06 0.00 -5.56
CA LEU A 437 7.88 -0.84 -6.43
C LEU A 437 8.15 -0.21 -7.79
N LEU A 438 7.34 0.77 -8.19
CA LEU A 438 7.47 1.34 -9.53
C LEU A 438 8.76 2.13 -9.68
N ARG A 439 9.18 2.80 -8.60
CA ARG A 439 10.42 3.57 -8.69
C ARG A 439 11.64 2.67 -8.74
N LEU A 440 11.56 1.49 -8.12
CA LEU A 440 12.63 0.52 -8.25
C LEU A 440 12.71 0.01 -9.69
N LEU A 441 11.55 -0.16 -10.32
CA LEU A 441 11.52 -0.47 -11.75
C LEU A 441 12.07 0.69 -12.56
N ALA A 443 14.34 2.55 -11.34
CA ALA A 443 15.76 2.49 -11.04
C ALA A 443 16.46 1.43 -11.87
N ARG A 444 15.76 0.34 -12.18
CA ARG A 444 16.38 -0.72 -12.98
C ARG A 444 16.61 -0.26 -14.41
N VAL A 445 15.65 0.47 -14.98
CA VAL A 445 15.82 0.99 -16.34
C VAL A 445 16.89 2.07 -16.35
N ALA A 446 17.01 2.83 -15.25
CA ALA A 446 18.00 3.87 -15.19
C ALA A 446 19.40 3.32 -15.05
N GLU A 447 19.57 2.24 -14.28
CA GLU A 447 20.90 1.72 -14.07
C GLU A 447 21.40 0.92 -15.27
N GLN A 448 20.49 0.28 -16.00
CA GLN A 448 20.88 -0.67 -17.04
C GLN A 448 21.49 0.05 -18.24
N THR A 449 20.71 0.90 -18.90
CA THR A 449 21.28 1.77 -19.90
C THR A 449 22.10 2.84 -19.20
N GLY A 450 23.09 3.38 -19.90
CA GLY A 450 24.15 4.11 -19.26
C GLY A 450 23.82 5.48 -18.71
N LYS A 451 23.04 5.54 -17.64
CA LYS A 451 22.80 6.82 -16.97
C LYS A 451 23.51 6.89 -15.63
N ASN A 452 23.29 5.91 -14.75
CA ASN A 452 24.07 5.57 -13.54
C ASN A 452 24.33 6.74 -12.58
N ASP A 453 23.58 7.82 -12.68
CA ASP A 453 23.70 8.88 -11.69
C ASP A 453 22.31 9.26 -11.24
N LEU A 454 21.35 9.10 -12.16
CA LEU A 454 19.96 9.23 -11.78
C LEU A 454 19.49 8.03 -10.96
N ALA A 455 20.25 6.94 -10.95
CA ALA A 455 19.85 5.77 -10.17
C ALA A 455 19.97 6.03 -8.67
N LEU A 456 20.89 6.89 -8.26
CA LEU A 456 21.01 7.19 -6.85
C LEU A 456 19.82 8.01 -6.37
N HIS A 457 19.49 9.08 -7.10
CA HIS A 457 18.40 9.95 -6.68
C HIS A 457 17.04 9.31 -6.90
N LEU A 458 16.94 8.32 -7.79
CA LEU A 458 15.70 7.56 -7.87
C LEU A 458 15.56 6.63 -6.69
N LEU A 459 16.67 6.17 -6.12
CA LEU A 459 16.61 5.27 -4.99
C LEU A 459 16.66 6.00 -3.66
N ALA A 460 17.27 7.18 -3.61
CA ALA A 460 17.25 7.96 -2.38
C ALA A 460 15.88 8.58 -2.16
N GLU A 461 15.22 9.05 -3.23
CA GLU A 461 13.82 9.46 -3.14
C GLU A 461 12.92 8.26 -2.86
N LEU A 462 13.41 7.04 -3.10
CA LEU A 462 12.71 5.82 -2.72
C LEU A 462 12.98 5.44 -1.26
N ASP A 463 14.20 5.67 -0.77
CA ASP A 463 14.58 5.07 0.49
C ASP A 463 14.06 5.84 1.70
N GLU A 464 13.79 7.14 1.57
CA GLU A 464 13.25 7.90 2.69
C GLU A 464 11.86 7.44 3.04
N ARG A 465 10.99 7.27 2.05
CA ARG A 465 9.68 6.71 2.32
C ARG A 465 9.70 5.20 2.42
N ALA A 466 10.85 4.56 2.18
CA ALA A 466 10.96 3.14 2.47
C ALA A 466 11.03 2.87 3.96
N THR A 467 11.50 3.82 4.76
CA THR A 467 11.50 3.67 6.21
C THR A 467 10.19 4.18 6.82
N ARG A 468 9.09 3.72 6.24
CA ARG A 468 7.74 4.06 6.61
C ARG A 468 6.87 2.93 6.04
N LEU A 469 5.56 3.16 5.91
CA LEU A 469 4.59 2.22 5.34
C LEU A 469 4.56 0.92 6.12
N THR A 470 4.52 1.02 7.44
CA THR A 470 4.93 -0.12 8.25
C THR A 470 3.82 -1.15 8.44
N LEU A 471 2.78 -0.79 9.18
CA LEU A 471 1.93 -1.82 9.75
C LEU A 471 0.71 -2.13 8.91
N SER A 472 -0.13 -1.14 8.63
CA SER A 472 -1.35 -1.36 7.86
C SER A 472 -1.31 -0.70 6.50
N GLN A 473 -0.14 -0.31 6.03
CA GLN A 473 -0.02 0.27 4.69
C GLN A 473 0.33 -0.81 3.68
N TRP A 474 1.49 -1.45 3.84
CA TRP A 474 1.76 -2.70 3.17
C TRP A 474 0.79 -3.76 3.66
N GLU A 475 0.33 -4.59 2.72
CA GLU A 475 -0.61 -5.69 2.92
C GLU A 475 -1.86 -5.28 3.69
N PRO A 476 -2.74 -4.47 3.12
CA PRO A 476 -3.95 -4.08 3.86
C PRO A 476 -4.98 -5.19 3.94
N GLU A 477 -4.86 -6.23 3.12
CA GLU A 477 -5.79 -7.35 3.22
C GLU A 477 -5.54 -8.18 4.47
N LEU A 478 -4.30 -8.20 4.96
CA LEU A 478 -3.99 -8.99 6.15
C LEU A 478 -4.44 -8.29 7.42
N VAL A 479 -4.06 -7.02 7.59
CA VAL A 479 -4.37 -6.28 8.82
C VAL A 479 -5.87 -6.02 8.93
N PHE A 480 -6.58 -5.97 7.81
CA PHE A 480 -8.03 -5.91 7.89
C PHE A 480 -8.63 -7.21 8.41
N GLU A 481 -7.96 -8.33 8.21
CA GLU A 481 -8.48 -9.58 8.76
C GLU A 481 -8.28 -9.63 10.27
N VAL A 482 -7.27 -8.94 10.79
CA VAL A 482 -7.03 -8.94 12.23
C VAL A 482 -8.08 -8.11 12.94
N LYS A 483 -8.26 -6.85 12.52
CA LYS A 483 -9.11 -5.94 13.26
C LYS A 483 -10.59 -6.27 13.10
N ALA A 484 -10.98 -6.97 12.05
CA ALA A 484 -12.37 -7.35 11.92
C ALA A 484 -12.73 -8.46 12.89
N ARG A 485 -11.75 -9.24 13.33
CA ARG A 485 -12.04 -10.28 14.31
C ARG A 485 -12.17 -9.71 15.71
N ARG A 486 -11.34 -8.72 16.05
CA ARG A 486 -11.41 -8.14 17.39
C ARG A 486 -12.69 -7.37 17.62
N LEU A 487 -13.33 -6.87 16.55
CA LEU A 487 -14.64 -6.26 16.71
C LEU A 487 -15.73 -7.32 16.80
N LYS A 488 -15.60 -8.40 16.03
CA LYS A 488 -16.63 -9.44 16.06
C LYS A 488 -16.59 -10.24 17.35
N LEU A 489 -15.49 -10.19 18.10
CA LEU A 489 -15.43 -10.90 19.37
C LEU A 489 -15.96 -10.04 20.51
N LEU A 490 -15.93 -8.71 20.38
CA LEU A 490 -16.40 -7.85 21.46
C LEU A 490 -17.92 -7.85 21.58
N ARG A 491 -18.62 -8.36 20.58
CA ARG A 491 -20.07 -8.50 20.69
C ARG A 491 -20.48 -9.81 21.33
N LYS A 493 -18.51 -10.94 24.47
CA LYS A 493 -18.01 -10.88 25.83
C LYS A 493 -18.95 -10.15 26.77
N SER A 494 -19.72 -9.19 26.27
CA SER A 494 -20.66 -8.44 27.10
C SER A 494 -21.92 -9.26 27.35
N ALA A 495 -22.95 -8.59 27.87
CA ALA A 495 -24.24 -9.15 28.27
C ALA A 495 -24.10 -10.25 29.33
N LYS A 496 -23.00 -10.24 30.09
CA LYS A 496 -22.86 -11.06 31.28
C LYS A 496 -22.44 -10.21 32.48
N THR A 497 -21.63 -9.18 32.26
CA THR A 497 -21.27 -8.17 33.26
C THR A 497 -21.71 -6.82 32.69
N GLU A 498 -22.91 -6.40 33.03
CA GLU A 498 -23.48 -5.14 32.52
C GLU A 498 -23.19 -3.97 33.45
N SER A 499 -21.93 -3.79 33.81
CA SER A 499 -21.53 -2.63 34.59
C SER A 499 -20.25 -1.98 34.09
N ASP A 500 -19.50 -2.64 33.21
CA ASP A 500 -18.32 -2.05 32.61
C ASP A 500 -18.49 -1.73 31.13
N ARG A 501 -19.72 -1.75 30.61
CA ARG A 501 -19.98 -1.48 29.19
C ARG A 501 -19.99 0.00 28.86
N VAL A 502 -19.64 0.86 29.82
CA VAL A 502 -19.57 2.30 29.57
C VAL A 502 -18.22 2.72 29.01
N ARG A 503 -17.28 1.80 28.86
CA ARG A 503 -15.96 2.13 28.36
C ARG A 503 -15.53 1.20 27.23
N LEU A 504 -16.44 0.38 26.72
CA LEU A 504 -16.16 -0.47 25.57
C LEU A 504 -16.13 0.31 24.27
N GLN A 505 -16.70 1.50 24.26
CA GLN A 505 -16.89 2.29 23.05
C GLN A 505 -15.59 2.80 22.43
N PRO A 506 -14.56 3.24 23.18
CA PRO A 506 -13.27 3.45 22.50
C PRO A 506 -12.62 2.16 22.02
N ASP A 507 -12.90 1.03 22.66
CA ASP A 507 -12.39 -0.23 22.14
C ASP A 507 -13.15 -0.68 20.91
N GLU A 509 -15.07 1.96 18.75
CA GLU A 509 -15.07 3.05 17.79
C GLU A 509 -13.67 3.55 17.43
N HIS A 510 -12.62 2.97 17.99
CA HIS A 510 -11.31 3.15 17.39
C HIS A 510 -10.99 2.03 16.43
N LEU A 511 -11.49 0.82 16.70
CA LEU A 511 -11.36 -0.25 15.72
C LEU A 511 -12.28 0.01 14.53
N LEU A 512 -13.48 0.53 14.79
CA LEU A 512 -14.39 0.83 13.70
C LEU A 512 -13.91 2.00 12.86
N ALA A 513 -13.07 2.86 13.41
CA ALA A 513 -12.39 3.85 12.59
C ALA A 513 -11.06 3.32 12.06
N GLY A 514 -10.57 2.21 12.60
CA GLY A 514 -9.38 1.60 12.03
C GLY A 514 -9.65 0.86 10.74
N LEU A 515 -10.92 0.58 10.44
CA LEU A 515 -11.27 -0.11 9.21
C LEU A 515 -11.51 0.83 8.04
N ILE A 516 -12.08 2.01 8.31
CA ILE A 516 -12.41 2.94 7.23
C ILE A 516 -11.15 3.55 6.65
N ALA A 517 -10.04 3.51 7.38
CA ALA A 517 -8.77 3.89 6.80
C ALA A 517 -8.16 2.81 5.91
N ILE A 518 -8.75 1.61 5.89
CA ILE A 518 -8.17 0.51 5.13
C ILE A 518 -9.00 0.25 3.88
N ASP A 519 -10.28 -0.10 4.07
CA ASP A 519 -11.17 -0.40 2.96
C ASP A 519 -12.58 0.00 3.36
N ALA A 520 -13.08 1.11 2.79
CA ALA A 520 -14.37 1.62 3.20
C ALA A 520 -15.54 0.80 2.67
N ALA A 521 -15.30 -0.05 1.67
CA ALA A 521 -16.40 -0.79 1.08
C ALA A 521 -16.77 -1.99 1.93
N ARG A 522 -15.79 -2.73 2.45
CA ARG A 522 -16.10 -3.92 3.22
C ARG A 522 -16.61 -3.60 4.62
N ALA A 523 -16.28 -2.42 5.16
CA ALA A 523 -16.68 -2.09 6.52
C ALA A 523 -18.14 -1.73 6.64
N ALA A 524 -18.82 -1.44 5.54
CA ALA A 524 -20.19 -0.95 5.61
C ALA A 524 -21.19 -2.03 5.97
N VAL A 525 -20.81 -3.30 5.92
CA VAL A 525 -21.66 -4.36 6.44
C VAL A 525 -21.23 -4.75 7.85
N LEU A 526 -20.45 -3.90 8.52
CA LEU A 526 -20.14 -4.08 9.93
C LEU A 526 -20.78 -3.04 10.83
N CYS A 527 -21.30 -1.95 10.26
CA CYS A 527 -21.98 -0.92 11.06
C CYS A 527 -23.40 -1.30 11.41
N ASN A 528 -23.83 -2.51 11.07
CA ASN A 528 -25.10 -3.02 11.55
C ASN A 528 -25.05 -3.25 13.06
N SER A 529 -26.21 -3.12 13.70
CA SER A 529 -26.32 -3.28 15.14
C SER A 529 -26.22 -4.75 15.52
#